data_4Q5N
#
_entry.id   4Q5N
#
_cell.length_a   50.550
_cell.length_b   80.272
_cell.length_c   126.189
_cell.angle_alpha   90.00
_cell.angle_beta   90.00
_cell.angle_gamma   90.00
#
_symmetry.space_group_name_H-M   'P 21 21 21'
#
loop_
_entity.id
_entity.type
_entity.pdbx_description
1 polymer 'Gluthatione S-transferase Blo t 8 isoform'
2 non-polymer GLUTATHIONE
3 water water
#
_entity_poly.entity_id   1
_entity_poly.type   'polypeptide(L)'
_entity_poly.pdbx_seq_one_letter_code
;MAPLKIGYWDVRGFAEPIRMLLKHLNIEFEETRYGFGNDSEESLPNRDEWLAEKFTLGLEFPNLPYLFDGDFKMTESVAI
LKRLARANGMIATTEPALSYSEMIEAMIIDIRNRLINVVYAENSGTPEEFEQKLADLRERLETSLGQLEAFFQKHGSQWV
AGDKLTYVDFLAYEYLDWYRVFVKSTPIFEKFAKVSDYMKRFEELPSLKEYIARDEHRSASCLSPFARIGHRWAKE
;
_entity_poly.pdbx_strand_id   A,B
#
# COMPACT_ATOMS: atom_id res chain seq x y z
N PRO A 3 -6.91 13.62 22.63
CA PRO A 3 -8.25 13.04 22.49
C PRO A 3 -8.41 12.22 21.22
N LEU A 4 -8.37 10.90 21.37
CA LEU A 4 -8.33 9.98 20.23
C LEU A 4 -9.50 9.01 20.24
N LYS A 5 -10.01 8.70 19.04
CA LYS A 5 -11.06 7.70 18.88
C LYS A 5 -10.82 6.83 17.66
N ILE A 6 -10.86 5.52 17.87
CA ILE A 6 -10.70 4.54 16.80
C ILE A 6 -12.04 3.86 16.53
N GLY A 7 -12.33 3.62 15.26
CA GLY A 7 -13.54 2.91 14.88
C GLY A 7 -13.20 1.79 13.90
N TYR A 8 -13.71 0.59 14.17
CA TYR A 8 -13.43 -0.57 13.33
C TYR A 8 -14.31 -1.75 13.74
N TRP A 9 -14.30 -2.82 12.94
CA TRP A 9 -15.00 -4.05 13.28
C TRP A 9 -14.49 -4.63 14.59
N ASP A 10 -15.32 -5.43 15.25
CA ASP A 10 -14.96 -6.06 16.51
C ASP A 10 -14.06 -7.27 16.25
N VAL A 11 -12.92 -7.01 15.62
CA VAL A 11 -11.93 -8.04 15.35
C VAL A 11 -10.58 -7.36 15.35
N ARG A 12 -9.52 -8.10 15.03
CA ARG A 12 -8.20 -7.50 14.89
C ARG A 12 -8.19 -6.64 13.64
N GLY A 13 -8.16 -7.30 12.48
CA GLY A 13 -8.21 -6.62 11.21
C GLY A 13 -7.09 -5.61 11.02
N PHE A 14 -7.39 -4.54 10.29
CA PHE A 14 -6.38 -3.55 9.92
C PHE A 14 -6.13 -2.55 11.06
N ALA A 15 -6.91 -2.67 12.13
CA ALA A 15 -6.84 -1.71 13.24
C ALA A 15 -5.93 -2.18 14.36
N GLU A 16 -5.71 -3.49 14.44
CA GLU A 16 -4.90 -4.06 15.53
C GLU A 16 -3.51 -3.42 15.65
N PRO A 17 -2.84 -3.16 14.52
CA PRO A 17 -1.54 -2.48 14.60
C PRO A 17 -1.66 -1.09 15.23
N ILE A 18 -2.73 -0.38 14.91
CA ILE A 18 -2.97 0.94 15.50
C ILE A 18 -3.22 0.78 16.99
N ARG A 19 -4.05 -0.18 17.34
CA ARG A 19 -4.34 -0.48 18.75
C ARG A 19 -3.04 -0.74 19.51
N MET A 20 -2.21 -1.65 18.98
CA MET A 20 -0.98 -2.08 19.65
C MET A 20 0.00 -0.92 19.82
N LEU A 21 0.14 -0.10 18.80
CA LEU A 21 1.02 1.08 18.87
C LEU A 21 0.59 1.96 20.03
N LEU A 22 -0.72 2.19 20.15
CA LEU A 22 -1.26 3.01 21.22
C LEU A 22 -1.10 2.34 22.59
N LYS A 23 -1.36 1.04 22.66
CA LYS A 23 -1.17 0.29 23.89
C LYS A 23 0.30 0.28 24.28
N HIS A 24 1.17 0.18 23.29
CA HIS A 24 2.61 0.23 23.51
C HIS A 24 3.02 1.59 24.06
N LEU A 25 2.53 2.65 23.42
CA LEU A 25 2.80 4.01 23.85
C LEU A 25 2.06 4.34 25.14
N ASN A 26 1.17 3.45 25.55
CA ASN A 26 0.38 3.63 26.77
C ASN A 26 -0.54 4.86 26.68
N ILE A 27 -0.94 5.20 25.46
CA ILE A 27 -1.84 6.32 25.25
C ILE A 27 -3.29 5.87 25.35
N GLU A 28 -4.08 6.60 26.13
CA GLU A 28 -5.49 6.30 26.31
C GLU A 28 -6.28 6.73 25.07
N PHE A 29 -7.22 5.89 24.65
CA PHE A 29 -8.04 6.20 23.48
C PHE A 29 -9.38 5.49 23.57
N GLU A 30 -10.38 6.05 22.88
CA GLU A 30 -11.72 5.48 22.85
C GLU A 30 -11.88 4.62 21.61
N GLU A 31 -12.85 3.69 21.66
CA GLU A 31 -13.04 2.73 20.57
C GLU A 31 -14.52 2.43 20.32
N THR A 32 -14.91 2.49 19.04
CA THR A 32 -16.19 1.97 18.60
C THR A 32 -15.95 0.69 17.82
N ARG A 33 -16.33 -0.44 18.41
CA ARG A 33 -16.18 -1.73 17.76
C ARG A 33 -17.49 -2.19 17.13
N TYR A 34 -17.67 -1.89 15.85
CA TYR A 34 -18.88 -2.29 15.14
C TYR A 34 -19.01 -3.81 15.11
N GLY A 35 -20.13 -4.30 15.66
CA GLY A 35 -20.41 -5.72 15.65
C GLY A 35 -20.96 -6.16 14.31
N PHE A 36 -21.78 -7.21 14.32
CA PHE A 36 -22.35 -7.75 13.10
C PHE A 36 -23.81 -8.16 13.33
N LEU A 44 -28.00 -14.57 10.60
CA LEU A 44 -26.74 -14.41 9.87
C LEU A 44 -26.19 -12.99 10.09
N PRO A 45 -24.91 -12.77 9.75
CA PRO A 45 -24.26 -11.50 10.08
C PRO A 45 -24.42 -10.47 8.98
N ASN A 46 -24.43 -9.19 9.37
CA ASN A 46 -24.58 -8.10 8.41
C ASN A 46 -23.75 -6.88 8.82
N ARG A 47 -23.81 -5.83 8.00
CA ARG A 47 -22.96 -4.66 8.16
C ARG A 47 -23.72 -3.42 8.65
N ASP A 48 -25.02 -3.57 8.93
CA ASP A 48 -25.90 -2.44 9.24
C ASP A 48 -25.41 -1.51 10.35
N GLU A 49 -24.77 -2.06 11.38
CA GLU A 49 -24.24 -1.24 12.47
C GLU A 49 -23.32 -0.15 11.94
N TRP A 50 -22.38 -0.55 11.10
CA TRP A 50 -21.42 0.38 10.52
C TRP A 50 -22.06 1.26 9.46
N LEU A 51 -22.98 0.70 8.70
CA LEU A 51 -23.64 1.43 7.62
C LEU A 51 -24.55 2.54 8.15
N ALA A 52 -24.96 2.42 9.41
CA ALA A 52 -25.84 3.41 10.03
C ALA A 52 -25.08 4.69 10.40
N GLU A 53 -23.77 4.57 10.57
CA GLU A 53 -22.93 5.70 10.96
C GLU A 53 -22.04 6.18 9.83
N LYS A 54 -21.78 5.30 8.87
CA LYS A 54 -20.76 5.50 7.83
C LYS A 54 -20.66 6.92 7.26
N PHE A 55 -21.76 7.48 6.79
CA PHE A 55 -21.74 8.78 6.12
C PHE A 55 -22.18 9.92 7.05
N THR A 56 -22.10 9.69 8.35
CA THR A 56 -22.50 10.68 9.35
C THR A 56 -21.33 11.10 10.22
N LEU A 57 -20.16 10.51 9.99
CA LEU A 57 -19.00 10.73 10.85
C LEU A 57 -18.06 11.81 10.32
N GLY A 58 -18.38 12.39 9.16
CA GLY A 58 -17.61 13.48 8.61
C GLY A 58 -16.32 13.04 7.94
N LEU A 59 -16.25 11.77 7.57
CA LEU A 59 -15.07 11.25 6.90
C LEU A 59 -15.12 11.60 5.42
N GLU A 60 -14.01 12.17 4.92
CA GLU A 60 -13.90 12.52 3.51
C GLU A 60 -13.92 11.29 2.62
N PHE A 61 -13.36 10.20 3.11
CA PHE A 61 -13.35 8.94 2.40
C PHE A 61 -13.76 7.84 3.36
N PRO A 62 -15.07 7.72 3.63
CA PRO A 62 -15.58 6.85 4.71
C PRO A 62 -15.10 5.41 4.58
N ASN A 63 -14.55 4.87 5.67
CA ASN A 63 -13.96 3.54 5.64
C ASN A 63 -13.58 3.09 7.04
N LEU A 64 -13.33 1.80 7.20
CA LEU A 64 -12.82 1.25 8.45
C LEU A 64 -11.41 0.72 8.21
N PRO A 65 -10.46 1.08 9.11
CA PRO A 65 -10.62 1.86 10.33
C PRO A 65 -10.60 3.37 10.07
N TYR A 66 -11.26 4.14 10.92
CA TYR A 66 -11.17 5.60 10.89
C TYR A 66 -10.60 6.12 12.21
N LEU A 67 -10.04 7.32 12.16
CA LEU A 67 -9.43 7.95 13.33
C LEU A 67 -9.99 9.35 13.58
N PHE A 68 -10.26 9.64 14.84
CA PHE A 68 -10.53 11.00 15.28
C PHE A 68 -9.34 11.50 16.09
N ASP A 69 -8.78 12.63 15.69
CA ASP A 69 -7.65 13.24 16.40
C ASP A 69 -8.00 14.70 16.64
N GLY A 70 -8.48 15.00 17.85
CA GLY A 70 -9.04 16.31 18.13
C GLY A 70 -10.28 16.49 17.27
N ASP A 71 -10.22 17.45 16.36
CA ASP A 71 -11.28 17.66 15.37
C ASP A 71 -10.86 17.12 14.00
N PHE A 72 -9.67 16.53 13.93
CA PHE A 72 -9.18 15.98 12.68
C PHE A 72 -9.74 14.59 12.44
N LYS A 73 -9.99 14.26 11.17
CA LYS A 73 -10.65 13.01 10.80
C LYS A 73 -10.03 12.43 9.52
N MET A 74 -9.53 11.20 9.63
CA MET A 74 -8.91 10.53 8.49
C MET A 74 -9.25 9.05 8.48
N THR A 75 -8.93 8.40 7.35
CA THR A 75 -9.11 6.98 7.19
C THR A 75 -7.78 6.36 6.76
N GLU A 76 -7.83 5.15 6.19
CA GLU A 76 -6.64 4.40 5.79
C GLU A 76 -5.81 3.96 6.99
N SER A 77 -5.81 2.65 7.24
CA SER A 77 -5.17 2.06 8.41
C SER A 77 -3.70 2.44 8.54
N VAL A 78 -2.97 2.40 7.43
CA VAL A 78 -1.53 2.65 7.46
C VAL A 78 -1.23 4.13 7.67
N ALA A 79 -1.94 5.00 6.96
CA ALA A 79 -1.74 6.44 7.08
C ALA A 79 -2.03 6.88 8.51
N ILE A 80 -2.94 6.17 9.16
CA ILE A 80 -3.29 6.45 10.55
C ILE A 80 -2.16 6.06 11.48
N LEU A 81 -1.62 4.86 11.28
CA LEU A 81 -0.55 4.35 12.13
C LEU A 81 0.68 5.27 12.10
N LYS A 82 0.98 5.79 10.92
CA LYS A 82 2.16 6.63 10.75
C LYS A 82 1.95 8.02 11.35
N ARG A 83 0.72 8.53 11.25
CA ARG A 83 0.40 9.83 11.83
C ARG A 83 0.67 9.82 13.32
N LEU A 84 0.20 8.77 13.99
CA LEU A 84 0.37 8.63 15.44
C LEU A 84 1.83 8.37 15.79
N ALA A 85 2.53 7.63 14.94
CA ALA A 85 3.92 7.29 15.19
C ALA A 85 4.83 8.50 15.02
N ARG A 86 4.48 9.39 14.09
CA ARG A 86 5.25 10.61 13.87
C ARG A 86 5.19 11.53 15.08
N ALA A 87 4.00 11.68 15.67
CA ALA A 87 3.81 12.58 16.79
C ALA A 87 4.27 11.98 18.12
N ASN A 88 4.64 10.70 18.08
CA ASN A 88 5.07 9.99 19.30
C ASN A 88 6.41 9.27 19.10
N GLY A 89 7.17 9.71 18.10
CA GLY A 89 8.51 9.21 17.88
C GLY A 89 8.62 7.71 17.71
N MET A 90 7.85 7.16 16.78
CA MET A 90 7.85 5.72 16.50
C MET A 90 8.03 5.47 15.01
N ILE A 91 8.82 6.33 14.37
CA ILE A 91 9.12 6.18 12.96
C ILE A 91 10.47 6.83 12.67
N ALA A 92 11.26 6.18 11.82
CA ALA A 92 12.55 6.73 11.43
C ALA A 92 12.34 8.10 10.78
N THR A 93 13.24 9.02 11.07
CA THR A 93 13.14 10.39 10.53
C THR A 93 14.37 10.72 9.70
N THR A 94 15.17 9.71 9.39
CA THR A 94 16.43 9.90 8.67
C THR A 94 16.63 8.77 7.68
N GLU A 95 17.36 9.05 6.60
CA GLU A 95 17.76 8.01 5.66
C GLU A 95 19.03 7.37 6.17
N PRO A 96 19.23 6.06 5.91
CA PRO A 96 18.38 5.17 5.09
C PRO A 96 17.25 4.49 5.88
N ALA A 97 17.21 4.70 7.20
CA ALA A 97 16.29 3.98 8.08
C ALA A 97 14.85 4.03 7.60
N LEU A 98 14.46 5.14 6.98
CA LEU A 98 13.08 5.33 6.56
C LEU A 98 12.81 4.61 5.25
N SER A 99 13.81 4.61 4.36
CA SER A 99 13.70 3.88 3.09
C SER A 99 13.48 2.40 3.34
N TYR A 100 14.19 1.86 4.33
CA TYR A 100 14.00 0.47 4.71
C TYR A 100 12.60 0.24 5.26
N SER A 101 12.13 1.19 6.06
CA SER A 101 10.83 1.10 6.70
C SER A 101 9.71 1.09 5.66
N GLU A 102 9.79 1.99 4.70
CA GLU A 102 8.74 2.13 3.69
C GLU A 102 8.86 1.06 2.61
N MET A 103 10.05 0.51 2.44
CA MET A 103 10.25 -0.61 1.52
C MET A 103 9.62 -1.86 2.12
N ILE A 104 9.90 -2.10 3.40
CA ILE A 104 9.40 -3.30 4.06
C ILE A 104 7.94 -3.11 4.46
N GLU A 105 7.52 -1.86 4.63
CA GLU A 105 6.11 -1.55 4.83
C GLU A 105 5.31 -2.08 3.66
N ALA A 106 5.62 -1.60 2.46
CA ALA A 106 4.90 -1.95 1.25
C ALA A 106 4.94 -3.45 1.00
N MET A 107 6.05 -4.08 1.37
CA MET A 107 6.24 -5.51 1.15
C MET A 107 5.33 -6.31 2.06
N ILE A 108 5.23 -5.88 3.32
CA ILE A 108 4.37 -6.55 4.30
C ILE A 108 2.89 -6.42 3.90
N ILE A 109 2.53 -5.26 3.37
CA ILE A 109 1.15 -5.00 2.97
C ILE A 109 0.79 -5.84 1.74
N ASP A 110 1.78 -6.19 0.93
CA ASP A 110 1.56 -7.08 -0.20
C ASP A 110 1.26 -8.48 0.29
N ILE A 111 1.96 -8.90 1.34
CA ILE A 111 1.74 -10.23 1.91
C ILE A 111 0.35 -10.31 2.53
N ARG A 112 -0.06 -9.24 3.16
CA ARG A 112 -1.36 -9.08 3.70
C ARG A 112 -2.46 -9.10 2.69
N ASN A 113 -2.24 -8.42 1.63
CA ASN A 113 -3.23 -8.25 0.58
C ASN A 113 -3.41 -9.50 -0.25
N ARG A 114 -2.34 -10.28 -0.42
CA ARG A 114 -2.45 -11.55 -1.12
C ARG A 114 -3.40 -12.47 -0.38
N LEU A 115 -3.30 -12.46 0.95
CA LEU A 115 -4.18 -13.24 1.79
C LEU A 115 -5.60 -12.68 1.73
N ILE A 116 -5.73 -11.38 1.95
CA ILE A 116 -7.02 -10.69 1.88
C ILE A 116 -7.74 -10.99 0.58
N ASN A 117 -7.05 -10.84 -0.55
CA ASN A 117 -7.67 -11.05 -1.86
C ASN A 117 -8.15 -12.50 -2.05
N VAL A 118 -7.64 -13.41 -1.23
CA VAL A 118 -8.07 -14.82 -1.29
C VAL A 118 -9.27 -15.05 -0.39
N VAL A 119 -9.19 -14.57 0.85
CA VAL A 119 -10.25 -14.83 1.83
C VAL A 119 -11.53 -14.04 1.57
N TYR A 120 -11.59 -13.36 0.42
CA TYR A 120 -12.83 -12.69 -0.01
C TYR A 120 -13.24 -13.17 -1.41
N ALA A 121 -14.55 -13.25 -1.62
CA ALA A 121 -15.15 -14.04 -2.70
C ALA A 121 -15.40 -13.19 -3.96
N GLU A 122 -15.58 -13.81 -5.13
CA GLU A 122 -15.59 -15.26 -5.34
C GLU A 122 -14.19 -15.87 -5.28
N THR A 126 -14.93 -23.55 -5.00
CA THR A 126 -14.81 -24.93 -4.52
C THR A 126 -13.78 -25.01 -3.39
N PRO A 127 -14.02 -25.87 -2.38
CA PRO A 127 -13.10 -25.94 -1.24
C PRO A 127 -11.68 -26.41 -1.58
N GLU A 128 -11.52 -27.08 -2.73
CA GLU A 128 -10.22 -27.58 -3.15
C GLU A 128 -9.47 -26.51 -3.94
N GLU A 129 -10.18 -25.78 -4.79
CA GLU A 129 -9.60 -24.63 -5.47
C GLU A 129 -9.15 -23.60 -4.43
N PHE A 130 -9.86 -23.57 -3.30
CA PHE A 130 -9.59 -22.60 -2.25
C PHE A 130 -8.44 -23.06 -1.36
N GLU A 131 -8.42 -24.35 -1.05
CA GLU A 131 -7.33 -24.95 -0.30
C GLU A 131 -6.03 -24.82 -1.09
N GLN A 132 -6.16 -24.84 -2.41
CA GLN A 132 -5.03 -24.65 -3.31
C GLN A 132 -4.51 -23.22 -3.24
N LYS A 133 -5.43 -22.26 -3.26
CA LYS A 133 -5.08 -20.85 -3.19
C LYS A 133 -4.29 -20.55 -1.92
N LEU A 134 -4.72 -21.16 -0.81
CA LEU A 134 -4.04 -21.04 0.46
C LEU A 134 -2.66 -21.69 0.40
N ALA A 135 -2.57 -22.82 -0.30
CA ALA A 135 -1.31 -23.54 -0.43
C ALA A 135 -0.36 -22.78 -1.35
N ASP A 136 -0.92 -22.08 -2.33
CA ASP A 136 -0.16 -21.14 -3.14
C ASP A 136 0.35 -20.00 -2.26
N LEU A 137 -0.48 -19.54 -1.33
CA LEU A 137 -0.10 -18.43 -0.44
C LEU A 137 1.07 -18.82 0.47
N ARG A 138 1.06 -20.04 0.97
CA ARG A 138 2.10 -20.50 1.88
C ARG A 138 3.45 -20.61 1.18
N GLU A 139 3.44 -21.06 -0.07
CA GLU A 139 4.67 -21.17 -0.84
C GLU A 139 5.23 -19.77 -1.10
N ARG A 140 4.36 -18.83 -1.43
CA ARG A 140 4.76 -17.46 -1.67
C ARG A 140 5.25 -16.81 -0.37
N LEU A 141 4.73 -17.27 0.76
CA LEU A 141 5.16 -16.79 2.06
C LEU A 141 6.58 -17.26 2.33
N GLU A 142 6.80 -18.56 2.20
CA GLU A 142 8.12 -19.18 2.34
C GLU A 142 9.18 -18.37 1.59
N THR A 143 8.86 -17.99 0.36
CA THR A 143 9.77 -17.19 -0.45
C THR A 143 10.05 -15.85 0.22
N SER A 144 8.99 -15.08 0.48
CA SER A 144 9.13 -13.75 1.04
C SER A 144 9.78 -13.79 2.42
N LEU A 145 9.44 -14.80 3.21
CA LEU A 145 9.96 -14.93 4.57
C LEU A 145 11.44 -15.32 4.53
N GLY A 146 11.83 -16.03 3.48
CA GLY A 146 13.23 -16.37 3.28
C GLY A 146 14.05 -15.13 2.98
N GLN A 147 13.43 -14.17 2.31
CA GLN A 147 14.10 -12.92 1.97
C GLN A 147 14.29 -12.05 3.21
N LEU A 148 13.27 -12.01 4.06
CA LEU A 148 13.32 -11.23 5.29
C LEU A 148 14.39 -11.80 6.23
N GLU A 149 14.56 -13.12 6.20
CA GLU A 149 15.58 -13.79 6.99
C GLU A 149 16.96 -13.28 6.56
N ALA A 150 17.17 -13.21 5.25
CA ALA A 150 18.43 -12.73 4.71
C ALA A 150 18.68 -11.29 5.13
N PHE A 151 17.60 -10.51 5.18
CA PHE A 151 17.67 -9.11 5.57
C PHE A 151 18.13 -8.96 7.02
N PHE A 152 17.49 -9.71 7.92
CA PHE A 152 17.85 -9.69 9.33
C PHE A 152 19.24 -10.29 9.58
N GLN A 153 19.69 -11.13 8.66
CA GLN A 153 21.00 -11.78 8.79
C GLN A 153 22.09 -10.79 8.39
N LYS A 154 21.89 -10.14 7.25
CA LYS A 154 22.80 -9.13 6.74
C LYS A 154 22.91 -7.97 7.72
N HIS A 155 21.75 -7.42 8.10
CA HIS A 155 21.69 -6.37 9.10
C HIS A 155 21.36 -6.97 10.45
N GLY A 156 22.32 -6.97 11.37
CA GLY A 156 22.11 -7.55 12.69
C GLY A 156 21.28 -6.66 13.60
N SER A 157 20.19 -6.12 13.06
CA SER A 157 19.34 -5.20 13.82
C SER A 157 18.21 -5.97 14.50
N GLN A 158 17.82 -5.49 15.68
CA GLN A 158 16.73 -6.12 16.42
C GLN A 158 15.38 -5.87 15.75
N TRP A 159 15.23 -4.73 15.10
CA TRP A 159 13.98 -4.35 14.44
C TRP A 159 14.20 -3.98 12.98
N VAL A 160 13.11 -3.85 12.24
CA VAL A 160 13.15 -3.64 10.80
C VAL A 160 13.90 -2.36 10.41
N ALA A 161 13.73 -1.31 11.20
CA ALA A 161 14.31 -0.01 10.88
C ALA A 161 15.66 0.22 11.55
N GLY A 162 16.11 -0.77 12.33
CA GLY A 162 17.39 -0.69 13.01
C GLY A 162 17.31 -1.12 14.46
N ASP A 163 17.90 -0.29 15.33
CA ASP A 163 18.00 -0.63 16.75
C ASP A 163 16.76 -0.26 17.54
N LYS A 164 15.86 0.51 16.93
CA LYS A 164 14.69 1.03 17.64
C LYS A 164 13.37 0.59 17.02
N LEU A 165 12.41 0.28 17.90
CA LEU A 165 11.08 -0.15 17.50
C LEU A 165 10.30 1.00 16.86
N THR A 166 9.67 0.72 15.73
CA THR A 166 8.92 1.73 14.99
C THR A 166 7.62 1.15 14.45
N TYR A 167 6.83 1.99 13.78
CA TYR A 167 5.51 1.62 13.29
C TYR A 167 5.53 0.35 12.43
N VAL A 168 6.59 0.16 11.66
CA VAL A 168 6.64 -0.91 10.67
C VAL A 168 6.64 -2.29 11.31
N ASP A 169 7.19 -2.39 12.51
CA ASP A 169 7.29 -3.67 13.20
C ASP A 169 5.91 -4.12 13.70
N PHE A 170 5.02 -3.16 13.93
CA PHE A 170 3.67 -3.47 14.34
C PHE A 170 2.88 -4.01 13.15
N LEU A 171 3.15 -3.47 11.98
CA LEU A 171 2.55 -3.97 10.74
C LEU A 171 3.03 -5.39 10.47
N ALA A 172 4.33 -5.59 10.53
CA ALA A 172 4.95 -6.86 10.20
C ALA A 172 4.41 -7.99 11.07
N TYR A 173 4.46 -7.80 12.38
CA TYR A 173 4.02 -8.84 13.30
C TYR A 173 2.56 -9.19 13.11
N GLU A 174 1.69 -8.17 13.12
CA GLU A 174 0.25 -8.38 13.09
C GLU A 174 -0.22 -9.15 11.86
N TYR A 175 0.35 -8.84 10.70
CA TYR A 175 -0.11 -9.42 9.45
C TYR A 175 0.60 -10.75 9.14
N LEU A 176 1.84 -10.89 9.58
CA LEU A 176 2.54 -12.17 9.44
C LEU A 176 2.00 -13.17 10.44
N ASP A 177 1.51 -12.67 11.58
CA ASP A 177 0.91 -13.52 12.59
C ASP A 177 -0.37 -14.17 12.06
N TRP A 178 -1.09 -13.46 11.21
CA TRP A 178 -2.34 -13.97 10.65
C TRP A 178 -2.14 -15.31 9.94
N TYR A 179 -1.03 -15.43 9.22
CA TYR A 179 -0.72 -16.67 8.52
C TYR A 179 -0.60 -17.82 9.50
N ARG A 180 0.04 -17.56 10.64
CA ARG A 180 0.20 -18.58 11.67
C ARG A 180 -1.14 -18.99 12.29
N VAL A 181 -2.00 -18.00 12.51
CA VAL A 181 -3.24 -18.23 13.25
C VAL A 181 -4.25 -19.09 12.48
N PHE A 182 -4.54 -18.74 11.23
CA PHE A 182 -5.60 -19.42 10.47
C PHE A 182 -5.20 -19.89 9.07
N VAL A 183 -3.94 -19.68 8.69
CA VAL A 183 -3.45 -20.16 7.40
C VAL A 183 -2.38 -21.24 7.58
N LYS A 184 -2.32 -21.81 8.79
CA LYS A 184 -1.44 -22.93 9.09
C LYS A 184 -0.04 -22.74 8.52
N SER A 185 0.73 -21.85 9.16
CA SER A 185 2.01 -21.42 8.61
C SER A 185 3.12 -21.32 9.66
N THR A 186 2.82 -21.76 10.88
CA THR A 186 3.80 -21.75 11.96
C THR A 186 5.08 -22.52 11.61
N PRO A 187 4.95 -23.68 10.93
CA PRO A 187 6.16 -24.42 10.58
C PRO A 187 7.07 -23.64 9.63
N ILE A 188 6.48 -22.82 8.76
CA ILE A 188 7.25 -22.04 7.81
C ILE A 188 8.07 -20.98 8.55
N PHE A 189 7.52 -20.43 9.61
CA PHE A 189 8.23 -19.46 10.44
C PHE A 189 9.38 -20.12 11.18
N GLU A 190 9.24 -21.41 11.45
CA GLU A 190 10.24 -22.15 12.23
C GLU A 190 11.49 -22.45 11.40
N LYS A 191 11.33 -22.53 10.08
CA LYS A 191 12.46 -22.76 9.19
C LYS A 191 13.47 -21.61 9.27
N PHE A 192 12.96 -20.41 9.46
CA PHE A 192 13.79 -19.20 9.48
C PHE A 192 13.93 -18.69 10.91
N ALA A 193 15.14 -18.82 11.45
CA ALA A 193 15.37 -18.63 12.88
C ALA A 193 15.42 -17.17 13.32
N LYS A 194 15.89 -16.29 12.45
CA LYS A 194 15.93 -14.86 12.76
C LYS A 194 14.52 -14.29 12.79
N VAL A 195 13.71 -14.68 11.81
CA VAL A 195 12.32 -14.26 11.73
C VAL A 195 11.51 -14.78 12.92
N SER A 196 11.69 -16.07 13.25
CA SER A 196 10.99 -16.65 14.39
C SER A 196 11.40 -15.95 15.68
N ASP A 197 12.67 -15.60 15.77
CA ASP A 197 13.19 -14.86 16.91
C ASP A 197 12.59 -13.45 16.93
N TYR A 198 12.43 -12.89 15.74
CA TYR A 198 11.88 -11.54 15.57
C TYR A 198 10.43 -11.49 16.04
N MET A 199 9.63 -12.46 15.62
CA MET A 199 8.21 -12.52 15.99
C MET A 199 8.05 -12.60 17.51
N LYS A 200 8.69 -13.58 18.13
CA LYS A 200 8.56 -13.81 19.55
C LYS A 200 9.12 -12.64 20.36
N ARG A 201 10.12 -11.96 19.81
CA ARG A 201 10.72 -10.81 20.49
C ARG A 201 9.67 -9.71 20.67
N PHE A 202 8.78 -9.59 19.69
CA PHE A 202 7.72 -8.60 19.71
C PHE A 202 6.71 -8.95 20.80
N GLU A 203 6.51 -10.24 21.02
CA GLU A 203 5.54 -10.72 22.00
C GLU A 203 6.05 -10.58 23.43
N GLU A 204 7.35 -10.37 23.56
CA GLU A 204 7.99 -10.28 24.87
C GLU A 204 8.46 -8.85 25.15
N LEU A 205 7.81 -7.89 24.50
CA LEU A 205 8.01 -6.48 24.81
C LEU A 205 7.26 -6.17 26.11
N PRO A 206 7.94 -5.56 27.09
CA PRO A 206 7.25 -5.26 28.35
C PRO A 206 5.98 -4.41 28.16
N SER A 207 6.00 -3.55 27.15
CA SER A 207 4.87 -2.67 26.88
C SER A 207 3.66 -3.41 26.32
N LEU A 208 3.93 -4.45 25.50
CA LEU A 208 2.86 -5.18 24.82
C LEU A 208 2.80 -6.65 25.20
N LYS A 209 3.71 -7.09 26.05
CA LYS A 209 3.74 -8.49 26.46
C LYS A 209 2.37 -8.96 26.94
N GLU A 210 1.79 -8.24 27.89
CA GLU A 210 0.51 -8.63 28.47
C GLU A 210 -0.63 -8.52 27.46
N TYR A 211 -0.74 -7.36 26.81
CA TYR A 211 -1.85 -7.09 25.89
C TYR A 211 -1.99 -8.15 24.80
N ILE A 212 -0.85 -8.60 24.27
CA ILE A 212 -0.84 -9.60 23.20
C ILE A 212 -1.31 -10.95 23.73
N ALA A 213 -1.23 -11.14 25.04
CA ALA A 213 -1.69 -12.37 25.67
C ALA A 213 -3.16 -12.28 26.07
N ARG A 214 -3.67 -11.05 26.18
CA ARG A 214 -5.04 -10.85 26.65
C ARG A 214 -6.07 -11.21 25.58
N ASP A 215 -7.27 -11.58 26.03
CA ASP A 215 -8.37 -12.02 25.16
C ASP A 215 -8.63 -11.02 24.04
N GLU A 216 -8.52 -9.74 24.36
CA GLU A 216 -8.67 -8.65 23.39
C GLU A 216 -7.93 -8.94 22.09
N HIS A 217 -6.72 -9.50 22.22
CA HIS A 217 -5.87 -9.75 21.07
C HIS A 217 -5.87 -11.22 20.67
N ARG A 218 -5.41 -12.08 21.58
CA ARG A 218 -5.22 -13.50 21.28
C ARG A 218 -6.53 -14.20 20.99
N SER A 219 -7.54 -13.95 21.84
CA SER A 219 -8.82 -14.63 21.73
C SER A 219 -9.82 -13.81 20.91
N ALA A 220 -9.31 -13.05 19.94
CA ALA A 220 -10.15 -12.24 19.07
C ALA A 220 -9.94 -12.66 17.62
N SER A 221 -11.04 -12.77 16.88
CA SER A 221 -10.99 -13.11 15.47
C SER A 221 -10.09 -12.13 14.74
N CYS A 222 -9.39 -12.61 13.72
CA CYS A 222 -8.47 -11.76 12.96
C CYS A 222 -9.24 -10.90 11.97
N LEU A 223 -10.10 -11.53 11.18
CA LEU A 223 -10.89 -10.85 10.17
C LEU A 223 -12.38 -10.92 10.48
N SER A 224 -13.18 -10.18 9.73
CA SER A 224 -14.63 -10.18 9.89
C SER A 224 -15.20 -11.51 9.42
N PRO A 225 -16.46 -11.82 9.81
CA PRO A 225 -17.07 -13.08 9.38
C PRO A 225 -17.43 -13.09 7.89
N PHE A 226 -17.24 -11.96 7.21
CA PHE A 226 -17.52 -11.88 5.78
C PHE A 226 -16.41 -12.50 4.96
N ALA A 227 -15.28 -12.77 5.62
CA ALA A 227 -14.21 -13.54 5.01
C ALA A 227 -14.54 -15.01 5.18
N ARG A 228 -14.08 -15.86 4.26
CA ARG A 228 -14.40 -17.29 4.32
C ARG A 228 -13.73 -17.93 5.54
N ILE A 229 -12.52 -17.48 5.86
CA ILE A 229 -11.83 -17.94 7.07
C ILE A 229 -11.18 -16.75 7.77
N GLY A 230 -10.60 -17.01 8.94
CA GLY A 230 -9.96 -15.97 9.74
C GLY A 230 -10.89 -15.41 10.80
N HIS A 231 -11.99 -16.11 11.07
CA HIS A 231 -12.92 -15.71 12.10
C HIS A 231 -13.42 -16.88 12.84
N ARG A 232 -14.17 -16.65 13.89
CA ARG A 232 -14.80 -17.71 14.66
C ARG A 232 -16.23 -17.94 14.17
N LEU B 4 22.78 7.14 -10.55
CA LEU B 4 21.35 7.03 -10.30
C LEU B 4 20.67 6.20 -11.39
N LYS B 5 20.26 5.00 -11.03
CA LYS B 5 19.69 4.06 -12.01
C LYS B 5 18.31 3.54 -11.58
N ILE B 6 17.42 3.41 -12.56
CA ILE B 6 16.10 2.82 -12.37
C ILE B 6 15.98 1.58 -13.24
N GLY B 7 15.31 0.56 -12.71
CA GLY B 7 15.04 -0.65 -13.47
C GLY B 7 13.56 -0.95 -13.49
N TYR B 8 13.05 -1.37 -14.64
CA TYR B 8 11.65 -1.76 -14.79
C TYR B 8 11.42 -2.33 -16.18
N TRP B 9 10.23 -2.87 -16.41
CA TRP B 9 9.84 -3.33 -17.73
C TRP B 9 9.78 -2.14 -18.70
N ASP B 10 9.83 -2.44 -20.00
CA ASP B 10 9.74 -1.40 -21.02
C ASP B 10 8.28 -0.97 -21.20
N VAL B 11 7.69 -0.50 -20.10
CA VAL B 11 6.33 0.03 -20.10
C VAL B 11 6.26 1.14 -19.07
N ARG B 12 5.10 1.78 -18.94
CA ARG B 12 4.90 2.75 -17.87
C ARG B 12 4.95 2.00 -16.53
N GLY B 13 3.86 1.34 -16.19
CA GLY B 13 3.78 0.52 -15.00
C GLY B 13 4.03 1.31 -13.71
N PHE B 14 4.50 0.60 -12.69
CA PHE B 14 4.65 1.19 -11.36
C PHE B 14 5.84 2.15 -11.28
N ALA B 15 6.64 2.21 -12.34
CA ALA B 15 7.85 3.03 -12.35
C ALA B 15 7.62 4.40 -12.97
N GLU B 16 6.50 4.57 -13.65
CA GLU B 16 6.25 5.82 -14.37
C GLU B 16 6.09 7.04 -13.45
N PRO B 17 5.46 6.86 -12.27
CA PRO B 17 5.42 7.99 -11.33
C PRO B 17 6.82 8.44 -10.91
N ILE B 18 7.73 7.49 -10.79
CA ILE B 18 9.11 7.79 -10.44
C ILE B 18 9.82 8.47 -11.61
N ARG B 19 9.59 7.93 -12.81
CA ARG B 19 10.16 8.53 -14.02
C ARG B 19 9.67 9.96 -14.17
N MET B 20 8.41 10.20 -13.81
CA MET B 20 7.83 11.53 -13.94
C MET B 20 8.37 12.49 -12.86
N LEU B 21 8.63 11.98 -11.67
CA LEU B 21 9.15 12.81 -10.60
C LEU B 21 10.51 13.37 -10.98
N LEU B 22 11.37 12.51 -11.51
CA LEU B 22 12.73 12.91 -11.86
C LEU B 22 12.73 13.85 -13.07
N LYS B 23 11.87 13.56 -14.04
CA LYS B 23 11.72 14.42 -15.21
C LYS B 23 11.29 15.82 -14.80
N HIS B 24 10.31 15.88 -13.89
CA HIS B 24 9.84 17.14 -13.34
C HIS B 24 10.95 17.89 -12.60
N LEU B 25 11.81 17.15 -11.90
CA LEU B 25 12.87 17.74 -11.08
C LEU B 25 14.14 18.02 -11.88
N ASN B 26 14.15 17.66 -13.16
CA ASN B 26 15.31 17.87 -14.01
C ASN B 26 16.54 17.12 -13.50
N ILE B 27 16.31 15.95 -12.91
CA ILE B 27 17.40 15.12 -12.42
C ILE B 27 17.70 14.01 -13.44
N GLU B 28 18.88 14.08 -14.03
CA GLU B 28 19.30 13.08 -15.01
C GLU B 28 19.45 11.71 -14.35
N PHE B 29 18.91 10.69 -14.99
CA PHE B 29 19.05 9.32 -14.49
C PHE B 29 19.13 8.32 -15.64
N GLU B 30 19.80 7.20 -15.38
CA GLU B 30 19.96 6.14 -16.37
C GLU B 30 18.90 5.08 -16.12
N GLU B 31 18.59 4.29 -17.15
CA GLU B 31 17.50 3.33 -17.07
C GLU B 31 17.87 1.96 -17.61
N THR B 32 17.22 0.94 -17.06
CA THR B 32 17.23 -0.40 -17.64
C THR B 32 15.78 -0.78 -17.92
N ARG B 33 15.40 -0.71 -19.19
CA ARG B 33 14.07 -1.10 -19.63
C ARG B 33 14.10 -2.53 -20.15
N TYR B 34 13.86 -3.48 -19.26
CA TYR B 34 13.83 -4.89 -19.64
C TYR B 34 12.71 -5.16 -20.64
N GLY B 35 13.05 -5.89 -21.70
CA GLY B 35 12.07 -6.30 -22.69
C GLY B 35 11.53 -7.69 -22.39
N PHE B 36 10.82 -8.27 -23.35
CA PHE B 36 10.19 -9.58 -23.15
C PHE B 36 10.64 -10.59 -24.20
N LEU B 44 7.03 -15.12 -29.15
CA LEU B 44 6.21 -14.78 -27.98
C LEU B 44 7.06 -14.06 -26.94
N PRO B 45 6.39 -13.38 -25.98
CA PRO B 45 7.10 -12.61 -24.95
C PRO B 45 7.35 -13.43 -23.68
N ASN B 46 8.45 -13.14 -23.01
CA ASN B 46 8.84 -13.86 -21.80
C ASN B 46 9.40 -12.90 -20.77
N ARG B 47 9.92 -13.45 -19.68
N ARG B 47 9.93 -13.44 -19.67
CA ARG B 47 10.44 -12.64 -18.58
CA ARG B 47 10.43 -12.65 -18.55
C ARG B 47 11.93 -12.88 -18.39
C ARG B 47 11.94 -12.86 -18.38
N ASP B 48 12.57 -13.47 -19.39
CA ASP B 48 13.97 -13.86 -19.27
C ASP B 48 14.98 -12.72 -19.18
N GLU B 49 14.70 -11.58 -19.78
CA GLU B 49 15.66 -10.48 -19.73
C GLU B 49 15.80 -9.98 -18.29
N TRP B 50 14.70 -10.04 -17.56
CA TRP B 50 14.67 -9.62 -16.16
C TRP B 50 15.18 -10.72 -15.24
N LEU B 51 14.72 -11.94 -15.45
CA LEU B 51 15.09 -13.07 -14.60
C LEU B 51 16.58 -13.41 -14.72
N ALA B 52 17.23 -12.90 -15.76
CA ALA B 52 18.67 -13.09 -15.91
C ALA B 52 19.42 -12.24 -14.90
N GLU B 53 18.93 -11.01 -14.68
CA GLU B 53 19.58 -10.07 -13.78
C GLU B 53 18.93 -10.05 -12.39
N LYS B 54 17.77 -10.67 -12.26
CA LYS B 54 16.95 -10.57 -11.05
C LYS B 54 17.73 -10.70 -9.73
N PHE B 55 18.50 -11.77 -9.59
CA PHE B 55 19.19 -12.04 -8.32
C PHE B 55 20.67 -11.66 -8.36
N THR B 56 21.08 -10.90 -9.36
CA THR B 56 22.48 -10.51 -9.52
C THR B 56 22.72 -9.02 -9.26
N LEU B 57 21.67 -8.30 -8.83
CA LEU B 57 21.73 -6.85 -8.70
C LEU B 57 21.89 -6.39 -7.25
N GLY B 58 22.01 -7.33 -6.32
CA GLY B 58 22.24 -6.99 -4.93
C GLY B 58 21.01 -6.42 -4.24
N LEU B 59 19.84 -6.74 -4.76
CA LEU B 59 18.58 -6.31 -4.17
C LEU B 59 18.19 -7.25 -3.04
N GLU B 60 17.90 -6.68 -1.87
CA GLU B 60 17.53 -7.47 -0.70
C GLU B 60 16.18 -8.14 -0.89
N PHE B 61 15.31 -7.49 -1.67
CA PHE B 61 14.03 -8.05 -2.04
C PHE B 61 13.80 -7.80 -3.53
N PRO B 62 14.46 -8.60 -4.39
CA PRO B 62 14.48 -8.36 -5.83
C PRO B 62 13.08 -8.18 -6.42
N ASN B 63 12.90 -7.13 -7.21
CA ASN B 63 11.60 -6.80 -7.77
C ASN B 63 11.70 -5.67 -8.77
N LEU B 64 10.56 -5.29 -9.33
CA LEU B 64 10.49 -4.21 -10.30
C LEU B 64 9.40 -3.23 -9.88
N PRO B 65 9.72 -1.93 -9.79
CA PRO B 65 11.02 -1.32 -10.16
C PRO B 65 12.06 -1.46 -9.06
N TYR B 66 13.33 -1.29 -9.42
CA TYR B 66 14.41 -1.22 -8.44
C TYR B 66 15.18 0.08 -8.60
N LEU B 67 15.82 0.53 -7.53
CA LEU B 67 16.55 1.80 -7.53
C LEU B 67 18.02 1.60 -7.17
N PHE B 68 18.89 2.22 -7.95
CA PHE B 68 20.29 2.41 -7.56
C PHE B 68 20.47 3.88 -7.24
N ASP B 69 20.69 4.18 -5.95
CA ASP B 69 20.88 5.55 -5.50
C ASP B 69 22.25 5.67 -4.86
N GLY B 70 23.25 5.96 -5.68
CA GLY B 70 24.63 5.94 -5.23
C GLY B 70 25.05 4.50 -4.98
N ASP B 71 25.32 4.18 -3.72
CA ASP B 71 25.61 2.80 -3.31
C ASP B 71 24.39 2.16 -2.63
N PHE B 72 23.31 2.93 -2.52
CA PHE B 72 22.10 2.44 -1.88
C PHE B 72 21.16 1.80 -2.90
N LYS B 73 20.51 0.71 -2.50
CA LYS B 73 19.65 -0.05 -3.39
C LYS B 73 18.36 -0.47 -2.69
N MET B 74 17.24 -0.36 -3.40
CA MET B 74 15.94 -0.72 -2.84
C MET B 74 14.92 -1.01 -3.93
N THR B 75 13.81 -1.61 -3.54
CA THR B 75 12.70 -1.90 -4.43
C THR B 75 11.44 -1.20 -3.91
N GLU B 76 10.27 -1.63 -4.37
CA GLU B 76 8.98 -1.07 -3.96
C GLU B 76 8.76 0.34 -4.54
N SER B 77 7.80 0.42 -5.45
CA SER B 77 7.58 1.62 -6.26
C SER B 77 7.27 2.87 -5.45
N VAL B 78 6.47 2.73 -4.39
CA VAL B 78 6.08 3.88 -3.60
C VAL B 78 7.19 4.26 -2.63
N ALA B 79 7.88 3.24 -2.12
CA ALA B 79 9.00 3.46 -1.21
C ALA B 79 10.11 4.24 -1.92
N ILE B 80 10.31 3.95 -3.20
CA ILE B 80 11.32 4.61 -3.99
C ILE B 80 10.92 6.05 -4.29
N LEU B 81 9.67 6.24 -4.68
CA LEU B 81 9.15 7.55 -5.04
C LEU B 81 9.29 8.55 -3.89
N LYS B 82 9.00 8.10 -2.68
CA LYS B 82 9.04 8.96 -1.50
C LYS B 82 10.47 9.25 -1.04
N ARG B 83 11.37 8.28 -1.19
CA ARG B 83 12.77 8.48 -0.86
C ARG B 83 13.31 9.65 -1.66
N LEU B 84 13.02 9.65 -2.95
CA LEU B 84 13.48 10.69 -3.84
C LEU B 84 12.80 12.02 -3.53
N ALA B 85 11.49 11.97 -3.31
CA ALA B 85 10.72 13.16 -2.98
C ALA B 85 11.28 13.86 -1.74
N ARG B 86 11.56 13.08 -0.69
CA ARG B 86 12.13 13.64 0.53
C ARG B 86 13.46 14.32 0.26
N ALA B 87 14.25 13.74 -0.64
CA ALA B 87 15.58 14.26 -0.94
C ALA B 87 15.54 15.43 -1.92
N ASN B 88 14.33 15.87 -2.26
CA ASN B 88 14.15 16.92 -3.26
C ASN B 88 12.99 17.86 -2.93
N GLY B 89 12.56 17.83 -1.67
CA GLY B 89 11.49 18.70 -1.20
C GLY B 89 10.22 18.56 -2.00
N MET B 90 9.82 17.32 -2.29
CA MET B 90 8.60 17.06 -3.04
C MET B 90 7.64 16.22 -2.20
N ILE B 91 7.59 16.52 -0.90
CA ILE B 91 6.69 15.83 0.02
C ILE B 91 6.35 16.73 1.21
N ALA B 92 5.13 16.59 1.71
CA ALA B 92 4.71 17.32 2.90
C ALA B 92 5.57 16.92 4.09
N THR B 93 5.95 17.91 4.90
CA THR B 93 6.79 17.69 6.06
C THR B 93 6.07 18.08 7.36
N THR B 94 4.83 18.52 7.22
CA THR B 94 4.05 19.00 8.36
C THR B 94 2.65 18.39 8.34
N GLU B 95 1.99 18.41 9.50
CA GLU B 95 0.60 17.96 9.61
C GLU B 95 -0.32 19.16 9.51
N PRO B 96 -1.57 18.95 9.04
CA PRO B 96 -2.14 17.67 8.61
C PRO B 96 -1.84 17.34 7.14
N ALA B 97 -1.00 18.13 6.50
CA ALA B 97 -0.72 17.96 5.07
C ALA B 97 -0.17 16.57 4.76
N LEU B 98 0.77 16.11 5.57
CA LEU B 98 1.39 14.81 5.34
C LEU B 98 0.41 13.68 5.59
N SER B 99 -0.49 13.87 6.56
CA SER B 99 -1.52 12.87 6.84
C SER B 99 -2.45 12.71 5.65
N TYR B 100 -2.82 13.83 5.03
CA TYR B 100 -3.65 13.82 3.84
C TYR B 100 -2.95 13.09 2.69
N SER B 101 -1.64 13.31 2.59
CA SER B 101 -0.84 12.73 1.52
C SER B 101 -0.86 11.21 1.59
N GLU B 102 -0.61 10.67 2.77
CA GLU B 102 -0.50 9.22 2.94
C GLU B 102 -1.88 8.55 2.95
N MET B 103 -2.91 9.31 3.31
CA MET B 103 -4.28 8.81 3.24
C MET B 103 -4.69 8.64 1.78
N ILE B 104 -4.44 9.66 0.97
CA ILE B 104 -4.78 9.59 -0.45
C ILE B 104 -3.84 8.62 -1.18
N GLU B 105 -2.58 8.57 -0.77
CA GLU B 105 -1.63 7.60 -1.32
C GLU B 105 -2.21 6.19 -1.25
N ALA B 106 -2.70 5.83 -0.06
CA ALA B 106 -3.20 4.49 0.17
C ALA B 106 -4.48 4.26 -0.63
N MET B 107 -5.25 5.33 -0.79
CA MET B 107 -6.51 5.26 -1.51
C MET B 107 -6.25 5.13 -3.01
N ILE B 108 -5.26 5.86 -3.51
CA ILE B 108 -4.91 5.81 -4.93
C ILE B 108 -4.30 4.45 -5.28
N ILE B 109 -3.61 3.85 -4.32
CA ILE B 109 -3.01 2.54 -4.53
C ILE B 109 -4.07 1.44 -4.47
N ASP B 110 -5.15 1.67 -3.72
CA ASP B 110 -6.28 0.75 -3.70
C ASP B 110 -6.99 0.79 -5.06
N ILE B 111 -7.14 1.98 -5.62
CA ILE B 111 -7.78 2.14 -6.91
C ILE B 111 -6.93 1.48 -8.01
N ARG B 112 -5.62 1.56 -7.86
CA ARG B 112 -4.70 0.96 -8.81
C ARG B 112 -4.75 -0.57 -8.75
N ASN B 113 -4.71 -1.11 -7.55
CA ASN B 113 -4.63 -2.55 -7.34
C ASN B 113 -5.89 -3.29 -7.75
N ARG B 114 -7.05 -2.65 -7.59
CA ARG B 114 -8.29 -3.26 -8.04
C ARG B 114 -8.23 -3.52 -9.54
N LEU B 115 -7.60 -2.61 -10.27
CA LEU B 115 -7.38 -2.77 -11.70
C LEU B 115 -6.38 -3.90 -11.95
N ILE B 116 -5.27 -3.85 -11.22
CA ILE B 116 -4.19 -4.82 -11.38
C ILE B 116 -4.66 -6.26 -11.11
N ASN B 117 -5.32 -6.45 -9.98
CA ASN B 117 -5.79 -7.78 -9.59
C ASN B 117 -6.76 -8.41 -10.58
N VAL B 118 -7.48 -7.58 -11.32
CA VAL B 118 -8.42 -8.08 -12.32
C VAL B 118 -7.70 -8.51 -13.59
N VAL B 119 -6.86 -7.61 -14.12
CA VAL B 119 -6.21 -7.84 -15.42
C VAL B 119 -4.98 -8.74 -15.33
N TYR B 120 -4.67 -9.24 -14.15
CA TYR B 120 -3.50 -10.12 -13.94
C TYR B 120 -3.91 -11.46 -13.31
N ALA B 121 -5.21 -11.72 -13.26
CA ALA B 121 -5.72 -12.91 -12.58
C ALA B 121 -5.59 -14.15 -13.43
N GLU B 122 -6.15 -15.26 -12.94
CA GLU B 122 -6.17 -16.52 -13.67
C GLU B 122 -7.23 -16.47 -14.78
N THR B 126 -14.27 -16.35 -18.39
CA THR B 126 -14.83 -16.11 -19.71
C THR B 126 -14.67 -14.65 -20.10
N PRO B 127 -14.95 -14.32 -21.36
CA PRO B 127 -14.78 -12.93 -21.81
C PRO B 127 -15.86 -11.99 -21.26
N GLU B 128 -17.06 -12.50 -21.04
CA GLU B 128 -18.16 -11.67 -20.56
C GLU B 128 -18.13 -11.54 -19.03
N GLU B 129 -17.35 -12.38 -18.37
CA GLU B 129 -17.14 -12.26 -16.93
C GLU B 129 -16.04 -11.24 -16.67
N PHE B 130 -15.10 -11.15 -17.61
CA PHE B 130 -14.01 -10.20 -17.51
C PHE B 130 -14.53 -8.78 -17.67
N GLU B 131 -15.36 -8.56 -18.67
CA GLU B 131 -15.97 -7.25 -18.89
C GLU B 131 -16.87 -6.87 -17.72
N GLN B 132 -17.48 -7.88 -17.12
CA GLN B 132 -18.28 -7.68 -15.91
C GLN B 132 -17.41 -7.10 -14.81
N LYS B 133 -16.22 -7.68 -14.63
CA LYS B 133 -15.29 -7.23 -13.61
C LYS B 133 -14.73 -5.85 -13.94
N LEU B 134 -14.72 -5.50 -15.24
CA LEU B 134 -14.25 -4.18 -15.65
C LEU B 134 -15.30 -3.11 -15.39
N ALA B 135 -16.57 -3.46 -15.64
CA ALA B 135 -17.66 -2.53 -15.40
C ALA B 135 -17.79 -2.25 -13.90
N ASP B 136 -17.40 -3.23 -13.09
CA ASP B 136 -17.41 -3.07 -11.65
C ASP B 136 -16.32 -2.08 -11.21
N LEU B 137 -15.19 -2.11 -11.90
CA LEU B 137 -14.08 -1.20 -11.60
C LEU B 137 -14.47 0.24 -11.93
N ARG B 138 -15.33 0.41 -12.93
CA ARG B 138 -15.79 1.73 -13.34
C ARG B 138 -16.79 2.30 -12.35
N GLU B 139 -17.62 1.42 -11.78
CA GLU B 139 -18.60 1.84 -10.78
C GLU B 139 -17.88 2.24 -9.49
N ARG B 140 -16.88 1.47 -9.09
CA ARG B 140 -16.08 1.78 -7.90
C ARG B 140 -15.24 3.03 -8.15
N LEU B 141 -14.84 3.21 -9.40
CA LEU B 141 -14.09 4.41 -9.79
C LEU B 141 -14.97 5.65 -9.67
N GLU B 142 -16.15 5.59 -10.26
CA GLU B 142 -17.15 6.65 -10.16
C GLU B 142 -17.31 7.09 -8.71
N THR B 143 -17.47 6.11 -7.82
CA THR B 143 -17.59 6.38 -6.39
C THR B 143 -16.37 7.12 -5.87
N SER B 144 -15.20 6.55 -6.11
CA SER B 144 -13.94 7.12 -5.64
C SER B 144 -13.73 8.56 -6.09
N LEU B 145 -13.93 8.81 -7.39
CA LEU B 145 -13.74 10.15 -7.92
C LEU B 145 -14.77 11.12 -7.36
N GLY B 146 -15.92 10.59 -6.93
CA GLY B 146 -16.95 11.40 -6.31
C GLY B 146 -16.47 11.94 -4.99
N GLN B 147 -15.95 11.04 -4.15
CA GLN B 147 -15.40 11.42 -2.85
C GLN B 147 -14.17 12.32 -3.02
N LEU B 148 -13.46 12.13 -4.12
CA LEU B 148 -12.26 12.91 -4.39
C LEU B 148 -12.63 14.30 -4.89
N GLU B 149 -13.68 14.38 -5.71
CA GLU B 149 -14.21 15.66 -6.16
C GLU B 149 -14.64 16.48 -4.96
N ALA B 150 -15.26 15.81 -3.99
CA ALA B 150 -15.71 16.45 -2.77
C ALA B 150 -14.53 16.97 -1.94
N PHE B 151 -13.40 16.28 -2.05
CA PHE B 151 -12.22 16.63 -1.28
C PHE B 151 -11.55 17.90 -1.80
N PHE B 152 -11.55 18.06 -3.12
CA PHE B 152 -10.99 19.27 -3.73
C PHE B 152 -11.90 20.46 -3.51
N GLN B 153 -13.20 20.20 -3.48
CA GLN B 153 -14.20 21.23 -3.25
C GLN B 153 -14.07 21.77 -1.82
N LYS B 154 -13.90 20.85 -0.89
CA LYS B 154 -13.86 21.18 0.53
C LYS B 154 -12.63 22.01 0.89
N HIS B 155 -11.46 21.58 0.41
CA HIS B 155 -10.19 22.19 0.81
C HIS B 155 -9.73 23.28 -0.17
N GLY B 156 -10.15 23.16 -1.42
CA GLY B 156 -9.81 24.16 -2.43
C GLY B 156 -8.33 24.20 -2.74
N SER B 157 -7.65 23.08 -2.53
CA SER B 157 -6.22 23.01 -2.79
C SER B 157 -5.96 22.73 -4.27
N GLN B 158 -4.90 23.33 -4.81
CA GLN B 158 -4.49 23.11 -6.19
C GLN B 158 -4.11 21.65 -6.41
N TRP B 159 -3.47 21.07 -5.40
CA TRP B 159 -3.04 19.68 -5.46
C TRP B 159 -3.54 18.91 -4.25
N VAL B 160 -3.21 17.63 -4.18
CA VAL B 160 -3.70 16.74 -3.13
C VAL B 160 -3.32 17.25 -1.74
N ALA B 161 -2.02 17.43 -1.51
CA ALA B 161 -1.53 17.78 -0.18
C ALA B 161 -1.72 19.27 0.13
N GLY B 162 -1.91 20.08 -0.91
CA GLY B 162 -2.09 21.51 -0.73
C GLY B 162 -1.84 22.29 -2.00
N ASP B 163 -1.18 23.44 -1.87
CA ASP B 163 -0.94 24.33 -3.00
C ASP B 163 0.35 24.01 -3.75
N LYS B 164 1.13 23.08 -3.22
CA LYS B 164 2.39 22.66 -3.83
C LYS B 164 2.31 21.23 -4.35
N LEU B 165 2.97 20.97 -5.48
CA LEU B 165 3.06 19.63 -6.03
C LEU B 165 3.95 18.73 -5.18
N THR B 166 3.46 17.52 -4.89
CA THR B 166 4.24 16.52 -4.17
C THR B 166 4.05 15.13 -4.78
N TYR B 167 4.81 14.16 -4.27
CA TYR B 167 4.84 12.81 -4.82
C TYR B 167 3.47 12.20 -5.05
N VAL B 168 2.53 12.51 -4.16
CA VAL B 168 1.21 11.87 -4.18
C VAL B 168 0.47 12.20 -5.47
N ASP B 169 0.73 13.38 -6.01
CA ASP B 169 0.09 13.81 -7.24
C ASP B 169 0.57 12.98 -8.44
N PHE B 170 1.81 12.51 -8.36
CA PHE B 170 2.39 11.69 -9.41
C PHE B 170 1.77 10.31 -9.44
N LEU B 171 1.53 9.74 -8.25
CA LEU B 171 0.82 8.48 -8.13
C LEU B 171 -0.61 8.66 -8.60
N ALA B 172 -1.19 9.81 -8.27
CA ALA B 172 -2.60 10.08 -8.56
C ALA B 172 -2.85 10.14 -10.06
N TYR B 173 -2.18 11.06 -10.75
CA TYR B 173 -2.37 11.25 -12.18
C TYR B 173 -2.17 9.95 -12.96
N GLU B 174 -1.03 9.30 -12.72
CA GLU B 174 -0.65 8.12 -13.47
C GLU B 174 -1.69 7.00 -13.36
N TYR B 175 -1.97 6.58 -12.13
CA TYR B 175 -2.81 5.41 -11.90
C TYR B 175 -4.28 5.69 -12.17
N LEU B 176 -4.69 6.96 -12.08
CA LEU B 176 -6.05 7.33 -12.48
C LEU B 176 -6.13 7.44 -14.00
N ASP B 177 -5.00 7.71 -14.64
CA ASP B 177 -4.95 7.84 -16.10
C ASP B 177 -5.13 6.47 -16.76
N TRP B 178 -4.58 5.44 -16.14
CA TRP B 178 -4.68 4.07 -16.64
C TRP B 178 -6.14 3.73 -16.97
N TYR B 179 -7.04 4.18 -16.11
CA TYR B 179 -8.46 3.95 -16.32
C TYR B 179 -8.95 4.63 -17.58
N ARG B 180 -8.47 5.85 -17.83
CA ARG B 180 -8.82 6.57 -19.04
C ARG B 180 -8.30 5.84 -20.27
N VAL B 181 -7.04 5.41 -20.20
CA VAL B 181 -6.37 4.79 -21.35
C VAL B 181 -7.04 3.49 -21.79
N PHE B 182 -7.17 2.53 -20.87
CA PHE B 182 -7.65 1.20 -21.23
C PHE B 182 -8.75 0.65 -20.33
N VAL B 183 -9.52 1.53 -19.68
CA VAL B 183 -10.70 1.11 -18.94
C VAL B 183 -11.88 2.02 -19.31
N LYS B 184 -11.72 2.79 -20.37
CA LYS B 184 -12.82 3.56 -20.96
C LYS B 184 -13.51 4.45 -19.93
N SER B 185 -12.71 5.09 -19.07
CA SER B 185 -13.24 5.82 -17.94
C SER B 185 -13.25 7.34 -18.11
N THR B 186 -12.83 7.82 -19.29
CA THR B 186 -12.78 9.26 -19.53
C THR B 186 -14.11 9.98 -19.24
N PRO B 187 -15.25 9.41 -19.69
CA PRO B 187 -16.52 10.08 -19.43
C PRO B 187 -16.82 10.20 -17.93
N ILE B 188 -16.30 9.26 -17.15
CA ILE B 188 -16.52 9.26 -15.71
C ILE B 188 -15.68 10.36 -15.04
N PHE B 189 -14.57 10.73 -15.67
CA PHE B 189 -13.74 11.82 -15.19
C PHE B 189 -14.41 13.16 -15.49
N GLU B 190 -15.03 13.24 -16.67
CA GLU B 190 -15.67 14.47 -17.11
C GLU B 190 -16.88 14.84 -16.27
N LYS B 191 -17.47 13.85 -15.61
CA LYS B 191 -18.62 14.09 -14.74
C LYS B 191 -18.27 15.03 -13.61
N PHE B 192 -17.03 14.93 -13.12
CA PHE B 192 -16.57 15.70 -11.99
C PHE B 192 -15.67 16.84 -12.46
N ALA B 193 -16.02 18.06 -12.07
CA ALA B 193 -15.36 19.26 -12.59
C ALA B 193 -13.92 19.44 -12.11
N LYS B 194 -13.74 19.41 -10.80
CA LYS B 194 -12.43 19.68 -10.20
C LYS B 194 -11.41 18.58 -10.47
N VAL B 195 -11.87 17.33 -10.48
CA VAL B 195 -11.00 16.20 -10.77
C VAL B 195 -10.49 16.27 -12.21
N SER B 196 -11.35 16.71 -13.12
CA SER B 196 -10.98 16.79 -14.53
C SER B 196 -9.97 17.90 -14.78
N ASP B 197 -10.09 18.97 -14.00
CA ASP B 197 -9.16 20.10 -14.12
C ASP B 197 -7.84 19.76 -13.44
N TYR B 198 -7.93 18.95 -12.38
CA TYR B 198 -6.75 18.48 -11.67
C TYR B 198 -5.83 17.71 -12.61
N MET B 199 -6.39 16.70 -13.28
CA MET B 199 -5.66 15.91 -14.26
C MET B 199 -5.08 16.79 -15.36
N LYS B 200 -5.89 17.74 -15.82
CA LYS B 200 -5.48 18.66 -16.87
C LYS B 200 -4.34 19.55 -16.39
N ARG B 201 -4.36 19.90 -15.10
CA ARG B 201 -3.32 20.74 -14.53
C ARG B 201 -1.98 20.01 -14.50
N PHE B 202 -2.02 18.73 -14.15
CA PHE B 202 -0.79 17.92 -14.10
C PHE B 202 -0.16 17.83 -15.48
N GLU B 203 -0.98 17.54 -16.48
CA GLU B 203 -0.52 17.48 -17.87
C GLU B 203 0.09 18.80 -18.33
N GLU B 204 -0.50 19.90 -17.87
CA GLU B 204 -0.08 21.23 -18.29
C GLU B 204 1.13 21.73 -17.51
N LEU B 205 1.60 20.95 -16.54
CA LEU B 205 2.78 21.32 -15.77
C LEU B 205 3.93 21.59 -16.74
N PRO B 206 4.40 22.85 -16.80
CA PRO B 206 5.42 23.20 -17.80
C PRO B 206 6.67 22.35 -17.67
N SER B 207 6.90 21.84 -16.46
CA SER B 207 8.04 20.97 -16.19
C SER B 207 7.87 19.58 -16.79
N LEU B 208 6.62 19.14 -16.93
CA LEU B 208 6.31 17.79 -17.39
C LEU B 208 5.55 17.75 -18.70
N LYS B 209 4.98 18.89 -19.08
CA LYS B 209 4.19 19.03 -20.30
C LYS B 209 4.84 18.36 -21.50
N GLU B 210 6.18 18.36 -21.53
CA GLU B 210 6.92 17.84 -22.68
C GLU B 210 7.12 16.33 -22.59
N TYR B 211 7.55 15.83 -21.44
CA TYR B 211 7.81 14.41 -21.28
C TYR B 211 6.54 13.59 -21.50
N ILE B 212 5.43 14.11 -21.00
CA ILE B 212 4.14 13.44 -21.14
C ILE B 212 3.75 13.31 -22.61
N ALA B 213 4.20 14.25 -23.42
CA ALA B 213 3.91 14.24 -24.84
C ALA B 213 4.84 13.30 -25.60
N ARG B 214 6.01 13.04 -25.04
CA ARG B 214 7.04 12.24 -25.71
C ARG B 214 6.60 10.78 -25.89
N ASP B 215 7.27 10.07 -26.78
CA ASP B 215 6.99 8.67 -27.05
C ASP B 215 7.06 7.79 -25.80
N GLU B 216 7.83 8.24 -24.83
CA GLU B 216 8.06 7.44 -23.64
C GLU B 216 6.79 7.24 -22.82
N HIS B 217 5.92 8.26 -22.83
CA HIS B 217 4.71 8.23 -22.01
C HIS B 217 3.46 8.08 -22.87
N ARG B 218 3.42 8.80 -23.99
CA ARG B 218 2.24 8.83 -24.86
C ARG B 218 2.03 7.49 -25.58
N SER B 219 3.07 7.04 -26.29
CA SER B 219 2.95 5.87 -27.16
C SER B 219 3.33 4.56 -26.47
N ALA B 220 3.74 4.65 -25.21
CA ALA B 220 4.16 3.47 -24.47
C ALA B 220 2.96 2.73 -23.87
N SER B 221 3.14 1.44 -23.64
CA SER B 221 2.14 0.62 -22.97
C SER B 221 2.09 0.96 -21.48
N CYS B 222 0.91 0.82 -20.89
CA CYS B 222 0.77 1.08 -19.45
C CYS B 222 1.24 -0.12 -18.64
N LEU B 223 0.88 -1.32 -19.11
CA LEU B 223 1.23 -2.55 -18.42
C LEU B 223 2.02 -3.48 -19.33
N SER B 224 2.53 -4.56 -18.74
CA SER B 224 3.23 -5.59 -19.50
C SER B 224 2.24 -6.39 -20.34
N PRO B 225 2.75 -7.11 -21.36
CA PRO B 225 1.84 -7.90 -22.21
C PRO B 225 1.29 -9.13 -21.49
N PHE B 226 1.72 -9.36 -20.26
CA PHE B 226 1.22 -10.48 -19.49
C PHE B 226 -0.09 -10.10 -18.80
N ALA B 227 -0.46 -8.84 -18.91
CA ALA B 227 -1.78 -8.39 -18.49
C ALA B 227 -2.75 -8.57 -19.65
N ARG B 228 -3.96 -9.01 -19.35
CA ARG B 228 -4.97 -9.25 -20.39
C ARG B 228 -5.26 -7.99 -21.20
N ILE B 229 -5.15 -6.82 -20.58
CA ILE B 229 -5.27 -5.56 -21.31
C ILE B 229 -4.26 -4.54 -20.76
N GLY B 230 -4.13 -3.41 -21.44
CA GLY B 230 -3.21 -2.36 -21.02
C GLY B 230 -1.92 -2.35 -21.80
N HIS B 231 -1.85 -3.17 -22.86
CA HIS B 231 -0.66 -3.25 -23.70
C HIS B 231 -1.05 -3.18 -25.18
#